data_1ELT
#
_entry.id   1ELT
#
_cell.length_a   68.000
_cell.length_b   68.000
_cell.length_c   83.980
_cell.angle_alpha   90.00
_cell.angle_beta   90.00
_cell.angle_gamma   90.00
#
_symmetry.space_group_name_H-M   'P 41 21 2'
#
loop_
_entity.id
_entity.type
_entity.pdbx_description
1 polymer ELASTASE
2 non-polymer 'CALCIUM ION'
3 water water
#
_entity_poly.entity_id   1
_entity_poly.type   'polypeptide(L)'
_entity_poly.pdbx_seq_one_letter_code
;VVGGRVAQPNSWPWQISLQYKSGSSYYHTCGGSLIRQGWVMTAAHCVDSARTWRVVLGEHNLNTNEGKEQIMTVNSVFIH
SGWNSDDVAGGYDIALLRLNTQASLNSAVQLAALPPSNQILPNNNPCYITGWGKTSTGGPLSDSLKQAWLPSVDHATCSS
SGWWGSTVKTTMVCAGGGANSGCNGDSGGPLNCQVNGSYYVHGVTSFVSSSGCNASKKPTVFTRVSAYISWMNGIM
;
_entity_poly.pdbx_strand_id   A
#
# COMPACT_ATOMS: atom_id res chain seq x y z
N VAL A 1 6.52 5.74 -6.71
CA VAL A 1 6.16 4.88 -7.88
C VAL A 1 7.13 5.18 -9.03
N VAL A 2 7.80 4.15 -9.53
CA VAL A 2 8.74 4.30 -10.65
C VAL A 2 7.99 3.92 -11.93
N GLY A 3 8.04 4.81 -12.92
CA GLY A 3 7.34 4.57 -14.17
C GLY A 3 5.92 5.07 -13.99
N GLY A 4 5.01 4.65 -14.86
CA GLY A 4 3.63 5.09 -14.74
C GLY A 4 3.43 6.58 -14.99
N ARG A 5 2.47 7.16 -14.29
CA ARG A 5 2.17 8.58 -14.49
C ARG A 5 1.41 9.15 -13.31
N VAL A 6 1.27 10.47 -13.28
CA VAL A 6 0.52 11.16 -12.23
C VAL A 6 -0.96 10.78 -12.44
N ALA A 7 -1.63 10.37 -11.37
CA ALA A 7 -3.04 9.98 -11.46
C ALA A 7 -3.94 11.19 -11.62
N GLN A 8 -5.15 10.99 -12.12
CA GLN A 8 -6.10 12.09 -12.21
C GLN A 8 -6.48 12.32 -10.74
N PRO A 9 -6.60 13.59 -10.32
CA PRO A 9 -6.95 13.89 -8.93
C PRO A 9 -8.13 13.13 -8.38
N ASN A 10 -7.94 12.53 -7.21
CA ASN A 10 -9.00 11.81 -6.51
C ASN A 10 -9.62 10.61 -7.26
N SER A 11 -8.85 9.98 -8.14
CA SER A 11 -9.36 8.82 -8.88
C SER A 11 -9.21 7.48 -8.15
N TRP A 12 -8.49 7.47 -7.02
CA TRP A 12 -8.31 6.26 -6.21
C TRP A 12 -8.72 6.77 -4.83
N PRO A 13 -10.03 6.93 -4.60
CA PRO A 13 -10.57 7.45 -3.34
C PRO A 13 -10.29 6.80 -1.99
N TRP A 14 -9.78 5.58 -1.98
CA TRP A 14 -9.46 4.91 -0.72
C TRP A 14 -7.98 5.08 -0.36
N GLN A 15 -7.18 5.67 -1.27
CA GLN A 15 -5.75 5.88 -1.01
C GLN A 15 -5.57 6.92 0.08
N ILE A 16 -4.70 6.64 1.05
CA ILE A 16 -4.42 7.60 2.11
C ILE A 16 -2.92 7.85 2.21
N SER A 17 -2.56 8.98 2.79
CA SER A 17 -1.15 9.34 3.01
C SER A 17 -0.92 9.30 4.53
N LEU A 18 0.05 8.50 4.98
CA LEU A 18 0.38 8.39 6.40
C LEU A 18 1.64 9.23 6.61
N GLN A 19 1.50 10.21 7.50
CA GLN A 19 2.57 11.16 7.79
C GLN A 19 2.92 11.19 9.28
N TYR A 20 4.15 11.58 9.60
CA TYR A 20 4.56 11.68 11.00
C TYR A 20 5.04 13.10 11.28
N LYS A 21 4.87 13.52 12.52
CA LYS A 21 5.26 14.86 12.93
C LYS A 21 6.74 14.99 13.25
N SER A 22 7.34 16.10 12.85
CA SER A 22 8.74 16.36 13.16
C SER A 22 8.77 17.86 13.30
N GLY A 23 8.81 18.32 14.54
CA GLY A 23 8.81 19.75 14.77
C GLY A 23 7.43 20.26 14.36
N SER A 24 7.39 21.31 13.56
CA SER A 24 6.10 21.86 13.12
C SER A 24 5.62 21.23 11.82
N SER A 25 6.43 20.32 11.28
CA SER A 25 6.09 19.69 10.01
C SER A 25 5.61 18.26 10.12
N TYR A 26 4.93 17.81 9.07
CA TYR A 26 4.47 16.43 8.94
C TYR A 26 5.09 15.95 7.64
N TYR A 27 5.69 14.77 7.67
CA TYR A 27 6.33 14.21 6.49
C TYR A 27 5.65 12.93 6.05
N HIS A 28 5.39 12.81 4.75
CA HIS A 28 4.78 11.60 4.22
C HIS A 28 5.81 10.48 4.34
N THR A 29 5.35 9.31 4.78
CA THR A 29 6.26 8.18 4.92
C THR A 29 5.67 6.89 4.31
N CYS A 30 4.35 6.78 4.28
CA CYS A 30 3.72 5.57 3.74
C CYS A 30 2.35 5.82 3.19
N GLY A 31 1.87 4.84 2.43
CA GLY A 31 0.54 4.90 1.89
C GLY A 31 -0.33 4.00 2.76
N GLY A 32 -1.59 3.83 2.35
CA GLY A 32 -2.54 2.99 3.08
C GLY A 32 -3.88 2.99 2.36
N SER A 33 -4.83 2.21 2.87
CA SER A 33 -6.17 2.13 2.28
C SER A 33 -7.24 2.31 3.33
N LEU A 34 -8.24 3.14 3.03
CA LEU A 34 -9.36 3.36 3.93
C LEU A 34 -10.31 2.15 3.73
N ILE A 35 -10.48 1.33 4.77
CA ILE A 35 -11.31 0.13 4.64
C ILE A 35 -12.65 0.19 5.34
N ARG A 36 -12.78 1.12 6.29
CA ARG A 36 -14.03 1.36 7.01
C ARG A 36 -13.95 2.85 7.35
N GLN A 37 -15.08 3.48 7.68
CA GLN A 37 -15.03 4.91 7.99
C GLN A 37 -13.98 5.31 9.02
N GLY A 38 -13.74 4.46 10.02
CA GLY A 38 -12.75 4.80 11.03
C GLY A 38 -11.54 3.89 11.07
N TRP A 39 -11.28 3.16 9.97
CA TRP A 39 -10.17 2.21 9.93
C TRP A 39 -9.32 2.29 8.66
N VAL A 40 -8.01 2.24 8.86
CA VAL A 40 -7.05 2.25 7.77
C VAL A 40 -6.17 1.00 7.84
N MET A 41 -5.87 0.44 6.68
CA MET A 41 -5.02 -0.73 6.55
C MET A 41 -3.69 -0.25 5.94
N THR A 42 -2.57 -0.62 6.57
CA THR A 42 -1.27 -0.21 6.06
C THR A 42 -0.26 -1.32 6.38
N ALA A 43 1.03 -1.06 6.14
CA ALA A 43 2.06 -2.06 6.43
C ALA A 43 2.56 -1.92 7.88
N ALA A 44 2.88 -3.05 8.50
CA ALA A 44 3.41 -3.04 9.84
C ALA A 44 4.72 -2.25 9.92
N HIS A 45 5.57 -2.34 8.89
CA HIS A 45 6.84 -1.61 8.95
C HIS A 45 6.69 -0.10 8.95
N CYS A 46 5.49 0.39 8.63
CA CYS A 46 5.23 1.83 8.62
C CYS A 46 4.91 2.38 9.98
N VAL A 47 4.35 1.54 10.85
CA VAL A 47 3.88 1.98 12.15
C VAL A 47 4.41 1.27 13.37
N ASP A 48 5.52 0.55 13.22
CA ASP A 48 6.06 -0.17 14.37
C ASP A 48 7.02 0.68 15.22
N SER A 49 6.81 1.98 15.21
CA SER A 49 7.57 2.94 16.01
C SER A 49 6.53 3.85 16.64
N ALA A 50 6.91 4.50 17.73
CA ALA A 50 6.02 5.43 18.40
C ALA A 50 6.20 6.82 17.80
N ARG A 51 5.44 7.14 16.76
CA ARG A 51 5.53 8.45 16.14
C ARG A 51 4.16 9.11 16.24
N THR A 52 4.11 10.43 16.04
CA THR A 52 2.83 11.13 16.07
C THR A 52 2.34 11.13 14.64
N TRP A 53 1.28 10.36 14.39
CA TRP A 53 0.73 10.20 13.06
C TRP A 53 -0.35 11.16 12.61
N ARG A 54 -0.41 11.33 11.30
CA ARG A 54 -1.43 12.14 10.66
C ARG A 54 -1.85 11.28 9.46
N VAL A 55 -3.15 11.08 9.29
CA VAL A 55 -3.66 10.31 8.16
C VAL A 55 -4.44 11.29 7.29
N VAL A 56 -4.07 11.40 6.02
CA VAL A 56 -4.76 12.31 5.11
C VAL A 56 -5.61 11.55 4.09
N LEU A 57 -6.91 11.78 4.14
CA LEU A 57 -7.85 11.17 3.20
C LEU A 57 -8.16 12.21 2.11
N GLY A 58 -8.55 11.74 0.93
CA GLY A 58 -8.90 12.64 -0.18
C GLY A 58 -7.75 13.51 -0.69
N GLU A 59 -6.54 13.02 -0.48
CA GLU A 59 -5.32 13.73 -0.88
C GLU A 59 -4.90 13.53 -2.34
N HIS A 60 -4.27 14.55 -2.90
CA HIS A 60 -3.71 14.47 -4.25
C HIS A 60 -2.32 15.12 -4.26
N ASN A 61 -2.28 16.44 -4.07
CA ASN A 61 -1.02 17.20 -4.02
C ASN A 61 -0.67 17.38 -2.55
N LEU A 62 0.36 16.68 -2.09
CA LEU A 62 0.76 16.74 -0.69
C LEU A 62 1.04 18.12 -0.10
N ASN A 63 1.59 19.01 -0.91
CA ASN A 63 1.98 20.35 -0.45
C ASN A 63 0.91 21.43 -0.62
N THR A 64 -0.30 21.08 -1.03
CA THR A 64 -1.32 22.09 -1.26
C THR A 64 -2.62 21.75 -0.55
N ASN A 65 -3.32 22.75 -0.03
CA ASN A 65 -4.59 22.54 0.63
C ASN A 65 -5.61 22.76 -0.50
N GLU A 66 -6.10 21.65 -1.07
CA GLU A 66 -7.02 21.67 -2.21
C GLU A 66 -8.51 21.71 -1.87
N GLY A 67 -8.84 21.44 -0.62
CA GLY A 67 -10.23 21.50 -0.20
C GLY A 67 -10.97 20.18 -0.12
N LYS A 68 -10.41 19.10 -0.63
CA LYS A 68 -11.08 17.81 -0.57
C LYS A 68 -10.49 16.84 0.45
N GLU A 69 -9.46 17.29 1.15
CA GLU A 69 -8.79 16.44 2.13
C GLU A 69 -9.51 16.38 3.46
N GLN A 70 -9.36 15.25 4.15
CA GLN A 70 -9.89 15.05 5.49
C GLN A 70 -8.69 14.60 6.33
N ILE A 71 -8.24 15.49 7.21
CA ILE A 71 -7.09 15.24 8.10
C ILE A 71 -7.59 14.47 9.31
N MET A 72 -6.95 13.33 9.61
CA MET A 72 -7.36 12.47 10.73
C MET A 72 -6.18 12.09 11.63
N THR A 73 -6.46 11.78 12.89
CA THR A 73 -5.41 11.35 13.78
C THR A 73 -5.66 9.87 14.13
N VAL A 74 -4.65 9.21 14.67
CA VAL A 74 -4.75 7.78 14.99
C VAL A 74 -4.96 7.54 16.47
N ASN A 75 -6.02 6.80 16.80
CA ASN A 75 -6.34 6.46 18.17
C ASN A 75 -5.53 5.23 18.62
N SER A 76 -5.49 4.20 17.78
CA SER A 76 -4.78 2.97 18.15
C SER A 76 -4.20 2.27 16.92
N VAL A 77 -3.06 1.61 17.11
CA VAL A 77 -2.38 0.88 16.06
C VAL A 77 -2.38 -0.60 16.43
N PHE A 78 -2.77 -1.46 15.48
CA PHE A 78 -2.80 -2.90 15.69
C PHE A 78 -1.86 -3.54 14.70
N ILE A 79 -0.76 -4.08 15.20
CA ILE A 79 0.21 -4.72 14.32
C ILE A 79 0.04 -6.24 14.41
N HIS A 80 0.12 -6.91 13.27
CA HIS A 80 -0.04 -8.35 13.25
C HIS A 80 0.96 -9.00 14.21
N SER A 81 0.47 -9.93 15.03
CA SER A 81 1.32 -10.64 16.00
C SER A 81 2.50 -11.42 15.41
N GLY A 82 2.41 -11.77 14.14
CA GLY A 82 3.49 -12.51 13.50
C GLY A 82 4.58 -11.65 12.87
N TRP A 83 4.41 -10.33 12.92
CA TRP A 83 5.37 -9.41 12.33
C TRP A 83 6.73 -9.37 13.01
N ASN A 84 7.80 -9.47 12.22
CA ASN A 84 9.15 -9.37 12.75
C ASN A 84 9.89 -8.39 11.84
N SER A 85 10.11 -7.16 12.32
CA SER A 85 10.79 -6.14 11.54
C SER A 85 12.20 -6.53 11.13
N ASP A 86 12.78 -7.50 11.83
CA ASP A 86 14.11 -7.95 11.50
C ASP A 86 14.08 -8.89 10.32
N ASP A 87 12.88 -9.35 9.95
CA ASP A 87 12.76 -10.27 8.83
C ASP A 87 11.49 -9.95 8.04
N VAL A 88 11.57 -8.93 7.21
CA VAL A 88 10.41 -8.52 6.40
C VAL A 88 9.95 -9.65 5.47
N ALA A 89 10.88 -10.49 5.02
CA ALA A 89 10.54 -11.61 4.13
C ALA A 89 9.74 -12.72 4.82
N GLY A 90 9.60 -12.65 6.14
CA GLY A 90 8.81 -13.64 6.84
C GLY A 90 7.30 -13.40 6.64
N GLY A 91 6.95 -12.21 6.15
CA GLY A 91 5.55 -11.88 5.95
C GLY A 91 4.90 -11.17 7.13
N TYR A 92 3.58 -11.20 7.19
CA TYR A 92 2.80 -10.55 8.26
C TYR A 92 2.99 -9.04 8.29
N ASP A 93 3.37 -8.44 7.16
CA ASP A 93 3.60 -7.01 7.09
C ASP A 93 2.24 -6.31 6.88
N ILE A 94 1.46 -6.22 7.96
CA ILE A 94 0.14 -5.61 7.89
C ILE A 94 -0.23 -5.03 9.26
N ALA A 95 -0.93 -3.89 9.24
CA ALA A 95 -1.34 -3.24 10.47
C ALA A 95 -2.64 -2.49 10.21
N LEU A 96 -3.43 -2.31 11.25
CA LEU A 96 -4.69 -1.58 11.15
C LEU A 96 -4.58 -0.38 12.07
N LEU A 97 -5.12 0.74 11.63
CA LEU A 97 -5.11 1.95 12.42
C LEU A 97 -6.55 2.35 12.68
N ARG A 98 -6.88 2.55 13.96
CA ARG A 98 -8.21 2.98 14.36
C ARG A 98 -8.07 4.50 14.45
N LEU A 99 -8.82 5.23 13.62
CA LEU A 99 -8.78 6.70 13.62
C LEU A 99 -9.60 7.27 14.78
N ASN A 100 -9.27 8.50 15.17
CA ASN A 100 -9.99 9.14 16.27
C ASN A 100 -11.44 9.51 15.94
N THR A 101 -11.71 9.77 14.66
CA THR A 101 -13.08 10.07 14.22
C THR A 101 -13.32 9.28 12.95
N GLN A 102 -14.54 9.35 12.42
CA GLN A 102 -14.88 8.62 11.19
C GLN A 102 -14.93 9.56 10.00
N ALA A 103 -14.49 9.05 8.85
CA ALA A 103 -14.50 9.82 7.62
C ALA A 103 -15.90 10.10 7.10
N SER A 104 -16.05 11.20 6.39
CA SER A 104 -17.32 11.53 5.76
C SER A 104 -17.11 11.03 4.34
N LEU A 105 -17.83 9.98 3.95
CA LEU A 105 -17.66 9.44 2.61
C LEU A 105 -18.30 10.35 1.57
N ASN A 106 -17.58 10.56 0.49
CA ASN A 106 -18.05 11.40 -0.62
C ASN A 106 -17.31 11.01 -1.90
N SER A 107 -17.42 11.82 -2.94
CA SER A 107 -16.75 11.50 -4.20
C SER A 107 -15.22 11.36 -4.11
N ALA A 108 -14.60 12.09 -3.20
CA ALA A 108 -13.15 12.05 -3.05
C ALA A 108 -12.66 11.07 -1.99
N VAL A 109 -13.57 10.62 -1.12
CA VAL A 109 -13.23 9.72 -0.03
C VAL A 109 -14.18 8.54 0.03
N GLN A 110 -13.67 7.37 -0.31
CA GLN A 110 -14.48 6.16 -0.32
C GLN A 110 -13.75 4.96 0.25
N LEU A 111 -14.51 3.92 0.59
CA LEU A 111 -13.95 2.71 1.16
C LEU A 111 -13.45 1.77 0.08
N ALA A 112 -12.33 1.11 0.36
CA ALA A 112 -11.76 0.15 -0.58
C ALA A 112 -12.57 -1.14 -0.50
N ALA A 113 -12.59 -1.91 -1.58
CA ALA A 113 -13.29 -3.18 -1.59
C ALA A 113 -12.22 -4.23 -1.33
N LEU A 114 -12.44 -5.09 -0.34
CA LEU A 114 -11.48 -6.13 0.00
C LEU A 114 -11.91 -7.46 -0.62
N PRO A 115 -10.94 -8.29 -1.01
CA PRO A 115 -11.26 -9.58 -1.63
C PRO A 115 -11.77 -10.63 -0.64
N PRO A 116 -12.45 -11.67 -1.15
CA PRO A 116 -12.96 -12.76 -0.29
C PRO A 116 -11.74 -13.47 0.31
N SER A 117 -11.92 -14.06 1.48
CA SER A 117 -10.83 -14.75 2.15
C SER A 117 -10.19 -15.77 1.22
N ASN A 118 -8.86 -15.83 1.26
CA ASN A 118 -8.06 -16.77 0.47
C ASN A 118 -8.14 -16.68 -1.05
N GLN A 119 -8.70 -15.60 -1.59
CA GLN A 119 -8.78 -15.50 -3.04
C GLN A 119 -7.40 -15.26 -3.65
N ILE A 120 -7.09 -16.01 -4.70
CA ILE A 120 -5.81 -15.92 -5.42
C ILE A 120 -6.07 -15.39 -6.84
N LEU A 121 -5.27 -14.42 -7.27
CA LEU A 121 -5.41 -13.84 -8.61
C LEU A 121 -4.72 -14.68 -9.68
N PRO A 122 -5.31 -14.75 -10.88
CA PRO A 122 -4.66 -15.54 -11.92
C PRO A 122 -3.45 -14.73 -12.39
N ASN A 123 -2.53 -15.41 -13.07
CA ASN A 123 -1.35 -14.75 -13.56
C ASN A 123 -1.71 -13.62 -14.53
N ASN A 124 -0.99 -12.52 -14.43
CA ASN A 124 -1.17 -11.36 -15.30
C ASN A 124 -2.48 -10.62 -15.10
N ASN A 125 -3.01 -10.64 -13.88
CA ASN A 125 -4.25 -9.92 -13.62
C ASN A 125 -3.96 -8.42 -13.70
N PRO A 126 -4.81 -7.65 -14.41
CA PRO A 126 -4.56 -6.20 -14.50
C PRO A 126 -4.66 -5.53 -13.13
N CYS A 127 -3.57 -4.89 -12.72
CA CYS A 127 -3.52 -4.20 -11.43
C CYS A 127 -2.71 -2.91 -11.60
N TYR A 128 -2.86 -2.01 -10.63
CA TYR A 128 -2.16 -0.74 -10.61
C TYR A 128 -1.67 -0.47 -9.21
N ILE A 129 -0.43 0.00 -9.09
CA ILE A 129 0.08 0.37 -7.78
C ILE A 129 -0.09 1.89 -7.72
N THR A 130 -0.44 2.43 -6.56
CA THR A 130 -0.60 3.86 -6.42
C THR A 130 0.22 4.37 -5.23
N GLY A 131 0.69 5.62 -5.30
CA GLY A 131 1.46 6.17 -4.19
C GLY A 131 2.23 7.44 -4.50
N TRP A 132 2.75 8.05 -3.44
CA TRP A 132 3.54 9.28 -3.51
C TRP A 132 5.03 9.01 -3.31
N GLY A 133 5.40 7.74 -3.37
CA GLY A 133 6.79 7.35 -3.18
C GLY A 133 7.77 7.82 -4.25
N LYS A 134 9.04 7.50 -4.02
CA LYS A 134 10.13 7.86 -4.93
C LYS A 134 9.82 7.49 -6.37
N THR A 135 10.21 8.38 -7.27
CA THR A 135 9.98 8.19 -8.70
C THR A 135 11.12 7.45 -9.40
N SER A 136 12.13 7.09 -8.62
CA SER A 136 13.29 6.34 -9.08
C SER A 136 14.07 5.99 -7.82
N THR A 137 14.89 4.94 -7.87
CA THR A 137 15.67 4.54 -6.72
C THR A 137 16.50 5.75 -6.29
N GLY A 138 16.41 6.13 -5.02
CA GLY A 138 17.17 7.27 -4.54
C GLY A 138 16.66 8.60 -5.07
N GLY A 139 15.59 8.55 -5.86
CA GLY A 139 14.99 9.75 -6.42
C GLY A 139 14.06 10.45 -5.44
N PRO A 140 13.47 11.58 -5.84
CA PRO A 140 12.56 12.30 -4.93
C PRO A 140 11.15 11.71 -4.87
N LEU A 141 10.43 12.05 -3.79
CA LEU A 141 9.05 11.62 -3.62
C LEU A 141 8.23 12.43 -4.62
N SER A 142 7.03 11.97 -4.92
CA SER A 142 6.17 12.69 -5.87
C SER A 142 5.17 13.54 -5.11
N ASP A 143 5.09 14.83 -5.44
CA ASP A 143 4.12 15.71 -4.76
C ASP A 143 2.70 15.27 -5.05
N SER A 144 2.47 14.81 -6.28
CA SER A 144 1.15 14.35 -6.73
C SER A 144 1.08 12.83 -6.71
N LEU A 145 -0.12 12.29 -6.49
CA LEU A 145 -0.30 10.83 -6.49
C LEU A 145 -0.03 10.26 -7.87
N LYS A 146 0.72 9.17 -7.92
CA LYS A 146 1.03 8.49 -9.19
C LYS A 146 0.40 7.11 -9.22
N GLN A 147 0.31 6.55 -10.41
CA GLN A 147 -0.20 5.19 -10.60
C GLN A 147 0.68 4.57 -11.67
N ALA A 148 0.78 3.25 -11.66
CA ALA A 148 1.57 2.56 -12.66
C ALA A 148 1.00 1.18 -12.87
N TRP A 149 0.83 0.84 -14.14
CA TRP A 149 0.36 -0.47 -14.56
C TRP A 149 1.34 -1.48 -13.93
N LEU A 150 0.81 -2.41 -13.14
CA LEU A 150 1.66 -3.39 -12.48
C LEU A 150 0.88 -4.71 -12.37
N PRO A 151 0.77 -5.45 -13.48
CA PRO A 151 0.03 -6.72 -13.48
C PRO A 151 0.60 -7.78 -12.54
N SER A 152 -0.28 -8.61 -11.98
CA SER A 152 0.15 -9.64 -11.04
C SER A 152 1.02 -10.70 -11.72
N VAL A 153 1.90 -11.28 -10.91
CA VAL A 153 2.82 -12.35 -11.32
C VAL A 153 2.52 -13.50 -10.35
N ASP A 154 2.06 -14.64 -10.87
CA ASP A 154 1.72 -15.76 -10.00
C ASP A 154 2.88 -16.27 -9.13
N HIS A 155 2.52 -16.98 -8.06
CA HIS A 155 3.52 -17.48 -7.13
C HIS A 155 4.56 -18.39 -7.77
N ALA A 156 4.12 -19.25 -8.69
CA ALA A 156 5.05 -20.17 -9.36
C ALA A 156 6.20 -19.41 -10.03
N THR A 157 5.87 -18.35 -10.76
CA THR A 157 6.88 -17.55 -11.42
C THR A 157 7.70 -16.73 -10.42
N CYS A 158 6.98 -16.05 -9.53
CA CYS A 158 7.64 -15.19 -8.57
C CYS A 158 8.62 -15.91 -7.65
N SER A 159 8.28 -17.12 -7.25
CA SER A 159 9.14 -17.89 -6.34
C SER A 159 10.18 -18.75 -7.07
N SER A 160 10.26 -18.64 -8.39
CA SER A 160 11.24 -19.41 -9.14
C SER A 160 12.62 -18.83 -8.81
N SER A 161 13.67 -19.65 -8.91
CA SER A 161 15.01 -19.22 -8.55
C SER A 161 15.53 -18.01 -9.33
N GLY A 162 15.00 -17.79 -10.52
CA GLY A 162 15.44 -16.65 -11.32
C GLY A 162 14.84 -15.33 -10.85
N TRP A 163 13.74 -15.42 -10.10
CA TRP A 163 13.04 -14.26 -9.60
C TRP A 163 13.36 -14.02 -8.13
N TRP A 164 12.36 -14.12 -7.26
CA TRP A 164 12.56 -13.91 -5.84
C TRP A 164 12.94 -15.17 -5.09
N GLY A 165 12.74 -16.32 -5.75
CA GLY A 165 13.07 -17.58 -5.12
C GLY A 165 12.27 -17.79 -3.85
N SER A 166 12.94 -18.25 -2.80
CA SER A 166 12.28 -18.52 -1.53
C SER A 166 11.97 -17.29 -0.66
N THR A 167 12.35 -16.11 -1.12
CA THR A 167 12.09 -14.90 -0.37
C THR A 167 10.59 -14.61 -0.30
N VAL A 168 9.87 -14.96 -1.36
CA VAL A 168 8.42 -14.71 -1.40
C VAL A 168 7.62 -15.90 -0.87
N LYS A 169 6.67 -15.60 0.01
CA LYS A 169 5.82 -16.62 0.61
C LYS A 169 4.46 -16.61 -0.06
N THR A 170 3.65 -17.62 0.23
CA THR A 170 2.31 -17.73 -0.34
C THR A 170 1.36 -16.66 0.20
N THR A 171 1.75 -16.01 1.29
CA THR A 171 0.96 -14.96 1.93
C THR A 171 1.31 -13.60 1.32
N MET A 172 1.98 -13.63 0.17
CA MET A 172 2.39 -12.41 -0.54
C MET A 172 1.92 -12.46 -1.98
N VAL A 173 1.82 -11.29 -2.60
CA VAL A 173 1.45 -11.16 -4.01
C VAL A 173 2.56 -10.38 -4.70
N CYS A 174 2.98 -10.85 -5.87
CA CYS A 174 4.01 -10.17 -6.64
C CYS A 174 3.34 -9.46 -7.79
N ALA A 175 3.91 -8.35 -8.23
CA ALA A 175 3.36 -7.61 -9.35
C ALA A 175 4.49 -6.85 -10.01
N GLY A 176 4.48 -6.84 -11.34
CA GLY A 176 5.49 -6.13 -12.10
C GLY A 176 6.67 -7.01 -12.46
N GLY A 177 7.87 -6.57 -12.12
CA GLY A 177 9.08 -7.32 -12.42
C GLY A 177 9.86 -6.64 -13.52
N GLY A 178 9.27 -5.58 -14.06
CA GLY A 178 9.87 -4.81 -15.13
C GLY A 178 10.26 -3.39 -14.74
N ALA A 179 10.07 -2.46 -15.67
CA ALA A 179 10.43 -1.07 -15.45
C ALA A 179 9.58 -0.35 -14.42
N ASN A 180 8.30 -0.73 -14.30
CA ASN A 180 7.41 -0.10 -13.33
C ASN A 180 7.55 -0.79 -11.99
N SER A 181 7.45 -0.01 -10.91
CA SER A 181 7.57 -0.58 -9.57
C SER A 181 7.18 0.41 -8.47
N GLY A 182 7.03 -0.12 -7.26
CA GLY A 182 6.78 0.75 -6.14
C GLY A 182 8.19 1.15 -5.74
N CYS A 183 8.32 2.06 -4.79
CA CYS A 183 9.63 2.47 -4.33
C CYS A 183 9.40 3.07 -2.94
N ASN A 184 10.46 3.50 -2.27
CA ASN A 184 10.35 4.06 -0.92
C ASN A 184 9.28 5.14 -0.83
N GLY A 185 8.40 5.01 0.16
CA GLY A 185 7.34 5.98 0.33
C GLY A 185 6.01 5.43 -0.13
N ASP A 186 6.05 4.35 -0.91
CA ASP A 186 4.86 3.67 -1.41
C ASP A 186 4.40 2.57 -0.45
N SER A 187 5.30 2.12 0.43
CA SER A 187 4.98 1.08 1.43
C SER A 187 3.64 1.32 2.09
N GLY A 188 2.91 0.23 2.37
CA GLY A 188 1.62 0.33 3.02
C GLY A 188 0.45 0.61 2.09
N GLY A 189 0.76 1.16 0.90
CA GLY A 189 -0.26 1.49 -0.08
C GLY A 189 -0.86 0.27 -0.75
N PRO A 190 -1.92 0.47 -1.55
CA PRO A 190 -2.59 -0.64 -2.23
C PRO A 190 -2.08 -1.09 -3.60
N LEU A 191 -2.39 -2.35 -3.91
CA LEU A 191 -2.18 -2.94 -5.22
C LEU A 191 -3.66 -3.07 -5.59
N ASN A 192 -4.11 -2.22 -6.50
CA ASN A 192 -5.52 -2.17 -6.93
C ASN A 192 -5.69 -3.08 -8.12
N CYS A 193 -6.44 -4.16 -7.95
CA CYS A 193 -6.64 -5.10 -9.04
C CYS A 193 -8.07 -5.16 -9.52
N GLN A 194 -8.24 -5.16 -10.83
CA GLN A 194 -9.57 -5.23 -11.43
C GLN A 194 -10.02 -6.68 -11.50
N VAL A 195 -11.10 -7.00 -10.78
CA VAL A 195 -11.66 -8.35 -10.76
C VAL A 195 -13.15 -8.20 -11.05
N ASN A 196 -13.60 -8.81 -12.14
CA ASN A 196 -15.00 -8.77 -12.55
C ASN A 196 -15.46 -7.32 -12.78
N GLY A 197 -14.57 -6.51 -13.36
CA GLY A 197 -14.91 -5.13 -13.66
C GLY A 197 -14.79 -4.11 -12.54
N SER A 198 -14.48 -4.54 -11.32
CA SER A 198 -14.33 -3.62 -10.19
C SER A 198 -12.93 -3.71 -9.59
N TYR A 199 -12.50 -2.64 -8.93
CA TYR A 199 -11.18 -2.59 -8.29
C TYR A 199 -11.22 -3.01 -6.82
N TYR A 200 -10.41 -4.00 -6.50
CA TYR A 200 -10.31 -4.53 -5.14
C TYR A 200 -8.88 -4.32 -4.70
N VAL A 201 -8.67 -4.16 -3.41
CA VAL A 201 -7.32 -3.99 -2.92
C VAL A 201 -6.80 -5.37 -2.56
N HIS A 202 -5.89 -5.89 -3.37
CA HIS A 202 -5.31 -7.22 -3.15
C HIS A 202 -3.98 -7.26 -2.41
N GLY A 203 -3.29 -6.13 -2.33
CA GLY A 203 -2.02 -6.13 -1.65
C GLY A 203 -1.72 -4.86 -0.89
N VAL A 204 -0.78 -4.97 0.05
CA VAL A 204 -0.30 -3.85 0.86
C VAL A 204 1.18 -3.86 0.50
N THR A 205 1.67 -2.80 -0.14
CA THR A 205 3.08 -2.72 -0.55
C THR A 205 4.02 -3.02 0.63
N SER A 206 4.87 -4.03 0.47
CA SER A 206 5.78 -4.42 1.53
C SER A 206 7.26 -4.18 1.23
N PHE A 207 7.78 -4.78 0.16
CA PHE A 207 9.20 -4.57 -0.18
C PHE A 207 9.55 -4.67 -1.67
N VAL A 208 10.76 -4.20 -1.98
CA VAL A 208 11.33 -4.23 -3.33
C VAL A 208 12.78 -4.69 -3.16
N SER A 209 13.45 -5.01 -4.27
CA SER A 209 14.84 -5.45 -4.25
C SER A 209 15.74 -4.43 -3.58
N SER A 210 16.76 -4.89 -2.87
CA SER A 210 17.68 -3.98 -2.18
C SER A 210 18.61 -3.26 -3.16
N SER A 211 18.83 -3.86 -4.33
CA SER A 211 19.70 -3.23 -5.31
C SER A 211 19.03 -1.99 -5.89
N GLY A 212 17.78 -2.15 -6.35
CA GLY A 212 17.04 -1.05 -6.92
C GLY A 212 15.55 -1.30 -6.88
N CYS A 213 14.77 -0.23 -6.82
CA CYS A 213 13.33 -0.35 -6.78
C CYS A 213 12.71 -1.16 -7.93
N ASN A 214 13.12 -0.87 -9.16
CA ASN A 214 12.58 -1.59 -10.33
C ASN A 214 13.58 -2.58 -10.95
N ALA A 215 14.30 -3.30 -10.08
CA ALA A 215 15.28 -4.28 -10.52
C ALA A 215 14.62 -5.36 -11.38
N SER A 216 15.27 -5.72 -12.49
CA SER A 216 14.78 -6.73 -13.43
C SER A 216 14.48 -8.05 -12.70
N LYS A 217 13.31 -8.62 -12.98
CA LYS A 217 12.87 -9.87 -12.35
C LYS A 217 12.70 -9.81 -10.85
N LYS A 218 12.60 -8.60 -10.30
CA LYS A 218 12.37 -8.43 -8.88
C LYS A 218 11.08 -7.62 -8.69
N PRO A 219 9.92 -8.25 -8.99
CA PRO A 219 8.63 -7.55 -8.86
C PRO A 219 8.38 -7.01 -7.44
N THR A 220 7.58 -5.95 -7.36
CA THR A 220 7.24 -5.37 -6.06
C THR A 220 6.46 -6.45 -5.32
N VAL A 221 6.77 -6.64 -4.05
CA VAL A 221 6.09 -7.65 -3.24
C VAL A 221 5.11 -6.99 -2.27
N PHE A 222 3.91 -7.54 -2.23
CA PHE A 222 2.82 -7.05 -1.39
C PHE A 222 2.34 -8.10 -0.43
N THR A 223 1.87 -7.66 0.74
CA THR A 223 1.26 -8.58 1.71
C THR A 223 -0.06 -8.98 1.02
N ARG A 224 -0.38 -10.26 0.95
CA ARG A 224 -1.62 -10.68 0.27
C ARG A 224 -2.79 -10.43 1.21
N VAL A 225 -3.56 -9.39 0.90
CA VAL A 225 -4.71 -9.01 1.72
C VAL A 225 -5.70 -10.15 2.00
N SER A 226 -5.97 -10.99 1.00
CA SER A 226 -6.92 -12.09 1.19
C SER A 226 -6.52 -13.11 2.26
N ALA A 227 -5.24 -13.14 2.64
CA ALA A 227 -4.79 -14.07 3.67
C ALA A 227 -5.06 -13.56 5.09
N TYR A 228 -5.45 -12.30 5.21
CA TYR A 228 -5.66 -11.71 6.52
C TYR A 228 -7.06 -11.23 6.83
N ILE A 229 -8.03 -11.65 6.02
CA ILE A 229 -9.42 -11.23 6.22
C ILE A 229 -9.94 -11.60 7.61
N SER A 230 -9.70 -12.83 8.05
CA SER A 230 -10.18 -13.24 9.38
C SER A 230 -9.46 -12.52 10.52
N TRP A 231 -8.18 -12.22 10.34
CA TRP A 231 -7.45 -11.51 11.37
C TRP A 231 -8.05 -10.10 11.50
N MET A 232 -8.27 -9.43 10.36
CA MET A 232 -8.83 -8.08 10.35
C MET A 232 -10.22 -8.05 10.97
N ASN A 233 -11.04 -9.02 10.61
CA ASN A 233 -12.39 -9.07 11.15
C ASN A 233 -12.37 -9.33 12.64
N GLY A 234 -11.37 -10.06 13.10
CA GLY A 234 -11.26 -10.32 14.52
C GLY A 234 -10.91 -9.08 15.30
N ILE A 235 -10.26 -8.13 14.64
CA ILE A 235 -9.86 -6.88 15.29
C ILE A 235 -10.93 -5.78 15.21
N MET A 236 -11.55 -5.63 14.05
CA MET A 236 -12.55 -4.58 13.84
C MET A 236 -13.95 -4.87 14.35
#